data_2VZN
#
_entry.id   2VZN
#
_cell.length_a   93.355
_cell.length_b   93.355
_cell.length_c   144.051
_cell.angle_alpha   90.00
_cell.angle_beta   90.00
_cell.angle_gamma   120.00
#
_symmetry.space_group_name_H-M   'P 61'
#
_entity_poly.entity_id   1
_entity_poly.type   'polypeptide(L)'
_entity_poly.pdbx_seq_one_letter_code
;TNYCNLQSCKRNNAIHTMCQYTSPTPGPMCLEYSNVGFTDAEKDAIVNKHNELRQRVASGKEMRGTNGPQPPAVKMPNLT
WDPELATIAQRWANQCTFEHDACRNVERFAVGQNIAATSSSGKNKSTPNEMILLWYNEVKDFDNRWISSFPSDDNILMKV
GHYTQIVWAKTTKIGCGRIMFKEPDNWTKHYLVCNYGPAGNVLGAPIYEIKKHHHHHH
;
_entity_poly.pdbx_strand_id   A,B
#
# COMPACT_ATOMS: atom_id res chain seq x y z
N ASN A 2 -27.02 22.59 -15.89
CA ASN A 2 -25.89 22.87 -14.95
C ASN A 2 -24.71 21.93 -15.25
N TYR A 3 -24.81 20.69 -14.75
CA TYR A 3 -23.80 19.67 -14.97
C TYR A 3 -24.10 18.90 -16.24
N CYS A 4 -25.23 19.17 -16.88
CA CYS A 4 -25.56 18.51 -18.13
C CYS A 4 -25.22 19.38 -19.33
N ASN A 5 -24.70 20.58 -19.09
CA ASN A 5 -24.26 21.47 -20.17
C ASN A 5 -22.75 21.63 -20.17
N LEU A 6 -22.03 20.74 -19.50
CA LEU A 6 -20.58 20.78 -19.56
C LEU A 6 -20.13 20.33 -20.93
N GLN A 7 -19.57 21.24 -21.72
CA GLN A 7 -18.98 20.85 -23.00
C GLN A 7 -17.97 19.73 -22.76
N SER A 8 -17.33 19.76 -21.59
CA SER A 8 -16.44 18.69 -21.14
C SER A 8 -17.06 17.31 -21.38
N CYS A 9 -18.29 17.12 -20.94
CA CYS A 9 -18.98 15.85 -21.12
C CYS A 9 -19.36 15.65 -22.57
N LYS A 10 -20.12 16.60 -23.13
CA LYS A 10 -20.63 16.47 -24.49
C LYS A 10 -19.51 16.11 -25.45
N ARG A 11 -18.36 16.78 -25.28
CA ARG A 11 -17.15 16.48 -26.07
C ARG A 11 -16.78 15.01 -25.96
N ASN A 12 -16.85 14.51 -24.73
CA ASN A 12 -16.52 13.12 -24.41
C ASN A 12 -17.71 12.14 -24.58
N ASN A 13 -18.80 12.58 -25.22
CA ASN A 13 -20.01 11.76 -25.38
C ASN A 13 -20.41 11.07 -24.06
N ALA A 14 -20.28 11.81 -22.96
CA ALA A 14 -20.37 11.27 -21.61
C ALA A 14 -21.53 11.89 -20.84
N ILE A 15 -22.19 11.09 -20.00
CA ILE A 15 -23.20 11.60 -19.08
C ILE A 15 -22.54 11.92 -17.75
N HIS A 16 -22.78 13.11 -17.22
CA HIS A 16 -22.16 13.52 -15.96
C HIS A 16 -22.78 12.79 -14.78
N THR A 17 -21.96 12.51 -13.76
CA THR A 17 -22.38 11.71 -12.62
C THR A 17 -23.57 12.31 -11.88
N MET A 18 -23.52 13.62 -11.66
CA MET A 18 -24.60 14.36 -10.98
C MET A 18 -25.84 14.47 -11.87
N CYS A 19 -25.61 14.54 -13.18
CA CYS A 19 -26.69 14.65 -14.15
C CYS A 19 -27.44 13.34 -14.22
N GLN A 20 -26.71 12.23 -14.16
CA GLN A 20 -27.35 10.91 -14.18
C GLN A 20 -27.93 10.56 -12.82
N TYR A 21 -27.08 10.38 -11.82
CA TYR A 21 -27.52 9.99 -10.48
C TYR A 21 -27.91 11.24 -9.72
N THR A 22 -29.22 11.50 -9.67
CA THR A 22 -29.73 12.74 -9.11
C THR A 22 -30.11 12.58 -7.64
N SER A 23 -29.99 11.36 -7.12
CA SER A 23 -30.36 11.06 -5.74
C SER A 23 -29.13 11.01 -4.81
N PRO A 24 -29.25 11.65 -3.62
CA PRO A 24 -28.17 11.57 -2.63
C PRO A 24 -28.15 10.23 -1.89
N THR A 25 -29.24 9.47 -1.97
CA THR A 25 -29.32 8.17 -1.30
C THR A 25 -28.64 7.14 -2.20
N PRO A 26 -27.82 6.24 -1.61
CA PRO A 26 -27.00 5.33 -2.42
C PRO A 26 -27.80 4.24 -3.14
N GLY A 27 -27.17 3.66 -4.17
CA GLY A 27 -27.84 2.74 -5.09
C GLY A 27 -27.94 1.31 -4.60
N PRO A 28 -28.71 0.47 -5.32
CA PRO A 28 -29.08 -0.88 -4.87
C PRO A 28 -27.89 -1.82 -4.73
N MET A 29 -26.79 -1.50 -5.39
CA MET A 29 -25.54 -2.20 -5.21
C MET A 29 -25.06 -2.15 -3.76
N CYS A 30 -25.43 -1.08 -3.04
CA CYS A 30 -24.91 -0.81 -1.70
C CYS A 30 -25.76 -1.47 -0.62
N LEU A 31 -25.76 -2.80 -0.61
CA LEU A 31 -26.56 -3.55 0.37
C LEU A 31 -26.07 -3.26 1.79
N GLU A 32 -27.01 -3.12 2.71
CA GLU A 32 -26.74 -2.85 4.12
C GLU A 32 -25.51 -1.95 4.26
N TYR A 33 -25.64 -0.70 3.80
CA TYR A 33 -24.51 0.22 3.74
C TYR A 33 -24.32 0.99 5.02
N SER A 34 -23.16 1.62 5.14
CA SER A 34 -22.81 2.41 6.33
C SER A 34 -21.65 3.36 6.04
N ASN A 35 -21.38 4.26 6.98
CA ASN A 35 -20.20 5.11 6.95
C ASN A 35 -20.00 5.85 5.62
N VAL A 36 -21.07 6.52 5.17
CA VAL A 36 -21.02 7.40 4.02
C VAL A 36 -20.21 8.65 4.37
N GLY A 37 -19.41 9.15 3.44
CA GLY A 37 -18.70 10.40 3.63
C GLY A 37 -17.65 10.32 4.72
N PHE A 38 -17.21 11.49 5.21
CA PHE A 38 -16.10 11.58 6.16
C PHE A 38 -16.34 12.56 7.29
N THR A 39 -15.71 12.28 8.44
CA THR A 39 -15.50 13.29 9.46
C THR A 39 -14.40 14.22 8.94
N ASP A 40 -14.32 15.41 9.53
CA ASP A 40 -13.32 16.41 9.13
C ASP A 40 -11.91 15.94 9.49
N ALA A 41 -11.81 15.22 10.61
CA ALA A 41 -10.57 14.54 10.97
C ALA A 41 -10.08 13.70 9.79
N GLU A 42 -10.98 12.96 9.18
CA GLU A 42 -10.65 12.04 8.10
C GLU A 42 -10.28 12.77 6.83
N LYS A 43 -10.93 13.90 6.58
CA LYS A 43 -10.65 14.70 5.39
C LYS A 43 -9.23 15.25 5.42
N ASP A 44 -8.79 15.66 6.60
CA ASP A 44 -7.40 16.10 6.77
C ASP A 44 -6.47 14.93 6.63
N ALA A 45 -6.89 13.77 7.14
CA ALA A 45 -6.11 12.56 6.99
C ALA A 45 -5.74 12.38 5.51
N ILE A 46 -6.73 12.51 4.65
CA ILE A 46 -6.53 12.25 3.23
C ILE A 46 -5.66 13.31 2.59
N VAL A 47 -5.94 14.57 2.88
CA VAL A 47 -5.16 15.64 2.29
C VAL A 47 -3.72 15.56 2.77
N ASN A 48 -3.54 15.39 4.06
CA ASN A 48 -2.20 15.29 4.63
C ASN A 48 -1.35 14.17 4.02
N LYS A 49 -1.96 13.00 3.80
CA LYS A 49 -1.23 11.88 3.17
C LYS A 49 -0.76 12.25 1.78
N HIS A 50 -1.64 12.85 0.99
CA HIS A 50 -1.30 13.23 -0.38
C HIS A 50 -0.13 14.23 -0.42
N ASN A 51 -0.18 15.23 0.46
CA ASN A 51 0.87 16.23 0.51
C ASN A 51 2.20 15.61 0.98
N GLU A 52 2.14 14.78 2.02
CA GLU A 52 3.31 14.04 2.50
C GLU A 52 3.99 13.35 1.33
N LEU A 53 3.22 12.56 0.61
CA LEU A 53 3.72 11.86 -0.58
C LEU A 53 4.24 12.83 -1.63
N ARG A 54 3.45 13.86 -1.94
CA ARG A 54 3.84 14.85 -2.92
C ARG A 54 5.17 15.50 -2.53
N GLN A 55 5.26 15.97 -1.29
CA GLN A 55 6.47 16.60 -0.80
C GLN A 55 7.67 15.65 -0.90
N ARG A 56 7.49 14.39 -0.54
CA ARG A 56 8.55 13.38 -0.64
C ARG A 56 9.12 13.32 -2.06
N VAL A 57 8.28 13.07 -3.05
CA VAL A 57 8.72 13.03 -4.44
C VAL A 57 9.35 14.37 -4.84
N ALA A 58 8.70 15.47 -4.46
CA ALA A 58 9.14 16.82 -4.82
C ALA A 58 10.55 17.14 -4.33
N SER A 59 10.89 16.62 -3.16
CA SER A 59 12.17 16.89 -2.52
C SER A 59 13.30 15.96 -3.00
N GLY A 60 13.00 15.09 -3.97
CA GLY A 60 13.99 14.19 -4.53
C GLY A 60 14.34 13.03 -3.63
N LYS A 61 13.40 12.64 -2.76
CA LYS A 61 13.63 11.62 -1.76
C LYS A 61 13.07 10.22 -2.14
N GLU A 62 12.02 10.14 -2.95
CA GLU A 62 11.52 8.83 -3.37
C GLU A 62 12.50 8.23 -4.34
N MET A 63 12.96 7.01 -4.02
CA MET A 63 14.10 6.43 -4.70
C MET A 63 13.78 5.22 -5.55
N ARG A 64 12.50 4.88 -5.65
CA ARG A 64 12.08 3.72 -6.40
C ARG A 64 11.72 4.10 -7.83
N GLY A 65 11.70 3.10 -8.71
CA GLY A 65 11.38 3.30 -10.11
C GLY A 65 12.17 2.38 -11.02
N THR A 66 11.54 1.91 -12.09
CA THR A 66 12.15 0.99 -13.04
C THR A 66 13.51 1.45 -13.52
N ASN A 67 13.60 2.74 -13.82
CA ASN A 67 14.81 3.31 -14.41
C ASN A 67 15.64 4.10 -13.40
N GLY A 68 15.38 3.90 -12.12
CA GLY A 68 16.09 4.61 -11.08
C GLY A 68 15.19 5.60 -10.36
N PRO A 69 15.77 6.32 -9.38
CA PRO A 69 15.04 7.14 -8.42
C PRO A 69 14.32 8.31 -9.05
N GLN A 70 13.27 8.79 -8.38
CA GLN A 70 12.43 9.87 -8.89
C GLN A 70 12.98 11.22 -8.53
N PRO A 71 13.21 12.09 -9.54
CA PRO A 71 13.87 13.38 -9.31
C PRO A 71 12.96 14.41 -8.64
N PRO A 72 13.56 15.44 -8.04
CA PRO A 72 12.80 16.48 -7.35
C PRO A 72 12.08 17.41 -8.32
N ALA A 73 11.07 18.11 -7.81
CA ALA A 73 10.21 18.96 -8.62
C ALA A 73 10.45 20.43 -8.32
N VAL A 74 10.36 21.26 -9.36
CA VAL A 74 10.51 22.70 -9.22
C VAL A 74 9.35 23.29 -8.42
N LYS A 75 8.14 22.99 -8.87
CA LYS A 75 6.94 23.39 -8.14
C LYS A 75 6.13 22.12 -7.87
N MET A 76 5.61 22.01 -6.65
CA MET A 76 4.70 20.92 -6.27
C MET A 76 3.80 21.41 -5.15
N PRO A 77 2.69 22.06 -5.51
CA PRO A 77 1.84 22.70 -4.50
C PRO A 77 1.07 21.69 -3.65
N ASN A 78 0.91 22.01 -2.37
CA ASN A 78 0.01 21.24 -1.52
C ASN A 78 -1.42 21.22 -2.06
N LEU A 79 -2.07 20.07 -1.95
CA LEU A 79 -3.46 19.95 -2.34
C LEU A 79 -4.31 20.51 -1.23
N THR A 80 -5.35 21.24 -1.60
CA THR A 80 -6.36 21.69 -0.65
C THR A 80 -7.66 20.93 -0.94
N TRP A 81 -8.44 20.68 0.11
CA TRP A 81 -9.70 19.93 -0.02
C TRP A 81 -10.74 20.80 -0.73
N ASP A 82 -11.53 20.17 -1.61
CA ASP A 82 -12.52 20.90 -2.39
C ASP A 82 -13.89 20.21 -2.32
N PRO A 83 -14.88 20.88 -1.72
CA PRO A 83 -16.17 20.24 -1.44
C PRO A 83 -17.00 19.90 -2.68
N GLU A 84 -16.87 20.69 -3.76
CA GLU A 84 -17.58 20.38 -5.01
C GLU A 84 -17.11 19.02 -5.53
N LEU A 85 -15.81 18.89 -5.76
CA LEU A 85 -15.24 17.61 -6.18
C LEU A 85 -15.66 16.52 -5.20
N ALA A 86 -15.60 16.81 -3.90
CA ALA A 86 -15.96 15.84 -2.88
C ALA A 86 -17.39 15.30 -3.07
N THR A 87 -18.36 16.20 -3.26
CA THR A 87 -19.74 15.76 -3.38
C THR A 87 -19.98 14.99 -4.69
N ILE A 88 -19.20 15.29 -5.72
CA ILE A 88 -19.26 14.55 -6.98
C ILE A 88 -18.58 13.19 -6.81
N ALA A 89 -17.49 13.15 -6.05
CA ALA A 89 -16.84 11.89 -5.73
C ALA A 89 -17.76 11.03 -4.88
N GLN A 90 -18.41 11.64 -3.90
CA GLN A 90 -19.27 10.88 -3.00
C GLN A 90 -20.48 10.33 -3.72
N ARG A 91 -20.99 11.05 -4.71
CA ARG A 91 -22.15 10.56 -5.44
C ARG A 91 -21.82 9.31 -6.22
N TRP A 92 -20.68 9.31 -6.90
CA TRP A 92 -20.26 8.14 -7.65
C TRP A 92 -19.89 7.00 -6.70
N ALA A 93 -19.34 7.35 -5.54
CA ALA A 93 -19.03 6.37 -4.49
C ALA A 93 -20.30 5.69 -4.05
N ASN A 94 -21.38 6.45 -3.95
CA ASN A 94 -22.68 5.90 -3.50
C ASN A 94 -23.34 4.89 -4.45
N GLN A 95 -22.68 4.58 -5.57
CA GLN A 95 -23.21 3.64 -6.55
C GLN A 95 -22.56 2.27 -6.43
N CYS A 96 -21.51 2.19 -5.63
CA CYS A 96 -20.90 0.92 -5.28
C CYS A 96 -20.62 0.00 -6.48
N THR A 97 -20.21 0.59 -7.60
CA THR A 97 -19.76 -0.20 -8.75
C THR A 97 -18.30 0.15 -9.01
N PHE A 98 -17.41 -0.81 -8.79
CA PHE A 98 -15.98 -0.53 -8.79
C PHE A 98 -15.44 -0.28 -10.21
N GLU A 99 -15.47 0.99 -10.61
CA GLU A 99 -14.89 1.44 -11.87
C GLU A 99 -14.99 2.94 -11.87
N HIS A 100 -14.37 3.59 -12.85
CA HIS A 100 -14.43 5.03 -12.96
C HIS A 100 -15.78 5.41 -13.56
N ASP A 101 -16.27 6.58 -13.18
CA ASP A 101 -17.48 7.11 -13.81
C ASP A 101 -17.14 7.75 -15.14
N ALA A 102 -18.16 7.90 -15.99
CA ALA A 102 -18.00 8.38 -17.38
C ALA A 102 -17.47 9.80 -17.44
N CYS A 103 -18.01 10.65 -16.57
CA CYS A 103 -17.53 12.02 -16.42
C CYS A 103 -17.86 12.60 -15.06
N ARG A 104 -16.94 13.41 -14.52
CA ARG A 104 -17.11 14.03 -13.21
C ARG A 104 -16.64 15.48 -13.17
N ASN A 105 -16.50 16.11 -14.33
CA ASN A 105 -15.84 17.42 -14.44
C ASN A 105 -16.64 18.56 -13.82
N VAL A 106 -15.99 19.72 -13.70
CA VAL A 106 -16.62 20.91 -13.14
C VAL A 106 -16.39 22.10 -14.06
N GLU A 107 -17.05 23.21 -13.77
CA GLU A 107 -16.91 24.43 -14.56
C GLU A 107 -15.45 24.89 -14.64
N ARG A 108 -14.69 24.69 -13.57
CA ARG A 108 -13.30 25.18 -13.54
C ARG A 108 -12.30 24.38 -14.36
N PHE A 109 -12.43 23.06 -14.40
CA PHE A 109 -11.41 22.22 -15.03
C PHE A 109 -11.86 20.78 -15.17
N ALA A 110 -11.16 20.03 -16.03
CA ALA A 110 -11.38 18.59 -16.10
C ALA A 110 -10.97 18.04 -14.75
N VAL A 111 -11.60 16.97 -14.32
CA VAL A 111 -11.33 16.41 -13.01
C VAL A 111 -10.80 15.01 -13.18
N GLY A 112 -9.72 14.70 -12.48
CA GLY A 112 -9.14 13.36 -12.50
C GLY A 112 -9.77 12.46 -11.47
N GLN A 113 -9.34 11.21 -11.40
CA GLN A 113 -9.92 10.28 -10.43
C GLN A 113 -9.03 9.09 -10.05
N ASN A 114 -9.01 8.77 -8.75
CA ASN A 114 -8.44 7.54 -8.22
C ASN A 114 -9.50 6.69 -7.47
N ILE A 115 -9.42 5.38 -7.64
CA ILE A 115 -10.39 4.47 -7.06
C ILE A 115 -9.69 3.39 -6.24
N ALA A 116 -10.31 3.01 -5.14
CA ALA A 116 -9.82 1.90 -4.35
C ALA A 116 -11.00 1.27 -3.62
N ALA A 117 -10.91 -0.03 -3.39
CA ALA A 117 -11.89 -0.76 -2.58
C ALA A 117 -11.13 -1.86 -1.87
N THR A 118 -11.46 -2.12 -0.61
CA THR A 118 -10.82 -3.23 0.12
C THR A 118 -11.85 -4.00 0.92
N SER A 119 -11.58 -5.28 1.19
CA SER A 119 -12.55 -6.15 1.87
C SER A 119 -12.13 -6.72 3.21
N SER A 120 -13.13 -7.18 3.96
CA SER A 120 -12.92 -7.78 5.26
C SER A 120 -14.14 -8.59 5.68
N SER A 121 -13.92 -9.68 6.42
CA SER A 121 -15.01 -10.39 7.08
C SER A 121 -15.51 -9.53 8.24
N GLY A 122 -16.67 -8.90 8.05
CA GLY A 122 -17.24 -7.99 9.05
C GLY A 122 -16.59 -6.63 9.04
N ASN A 124 -15.05 -3.78 9.06
CA ASN A 124 -13.88 -3.44 8.25
C ASN A 124 -12.98 -2.45 8.98
N LYS A 125 -11.69 -2.77 9.06
CA LYS A 125 -10.71 -1.89 9.69
C LYS A 125 -9.67 -1.51 8.64
N SER A 126 -10.09 -0.82 7.60
CA SER A 126 -9.15 -0.34 6.60
C SER A 126 -9.29 1.15 6.40
N THR A 127 -8.17 1.87 6.56
CA THR A 127 -8.13 3.31 6.41
C THR A 127 -7.93 3.71 4.94
N PRO A 128 -8.48 4.88 4.53
CA PRO A 128 -8.10 5.46 3.27
C PRO A 128 -6.60 5.66 3.10
N ASN A 129 -5.90 6.11 4.14
CA ASN A 129 -4.45 6.24 4.07
C ASN A 129 -3.81 4.95 3.53
N GLU A 130 -4.30 3.81 4.01
CA GLU A 130 -3.82 2.53 3.52
C GLU A 130 -4.02 2.49 2.00
N MET A 131 -5.23 2.78 1.54
CA MET A 131 -5.56 2.71 0.12
C MET A 131 -4.77 3.71 -0.73
N ILE A 132 -4.46 4.86 -0.15
CA ILE A 132 -3.67 5.89 -0.84
C ILE A 132 -2.22 5.44 -0.98
N LEU A 133 -1.67 4.86 0.07
CA LEU A 133 -0.32 4.33 -0.02
C LEU A 133 -0.22 3.30 -1.13
N LEU A 134 -1.29 2.56 -1.31
CA LEU A 134 -1.31 1.53 -2.34
C LEU A 134 -1.39 2.13 -3.75
N TRP A 135 -2.11 3.24 -3.90
CA TRP A 135 -2.05 3.99 -5.15
C TRP A 135 -0.61 4.44 -5.45
N TYR A 136 -0.01 5.07 -4.44
CA TYR A 136 1.34 5.61 -4.53
C TYR A 136 2.40 4.53 -4.80
N ASN A 137 2.15 3.34 -4.27
CA ASN A 137 3.12 2.25 -4.40
C ASN A 137 3.36 1.83 -5.86
N GLU A 138 2.52 2.34 -6.78
CA GLU A 138 2.77 2.16 -8.21
C GLU A 138 4.12 2.74 -8.66
N VAL A 139 4.72 3.59 -7.82
CA VAL A 139 6.00 4.22 -8.13
C VAL A 139 7.12 3.19 -8.28
N LYS A 140 6.89 1.99 -7.72
CA LYS A 140 7.78 0.85 -7.94
C LYS A 140 7.91 0.52 -9.45
N ASP A 141 6.82 0.72 -10.21
CA ASP A 141 6.82 0.45 -11.65
C ASP A 141 7.01 1.69 -12.53
N PHE A 142 7.41 2.81 -11.94
CA PHE A 142 7.48 4.05 -12.68
C PHE A 142 8.86 4.34 -13.27
N ASP A 143 8.86 4.99 -14.42
CA ASP A 143 10.06 5.29 -15.16
C ASP A 143 10.28 6.80 -15.13
N ASN A 144 11.46 7.23 -14.69
CA ASN A 144 11.92 8.62 -14.81
C ASN A 144 11.50 9.30 -16.11
N ARG A 145 11.70 8.61 -17.22
CA ARG A 145 11.50 9.17 -18.56
C ARG A 145 10.08 9.60 -18.89
N TRP A 146 9.12 9.21 -18.06
CA TRP A 146 7.73 9.58 -18.32
C TRP A 146 7.33 10.89 -17.63
N ILE A 147 8.25 11.50 -16.89
CA ILE A 147 7.92 12.68 -16.10
C ILE A 147 7.67 13.92 -16.98
N SER A 148 8.56 14.18 -17.91
CA SER A 148 8.51 15.41 -18.67
C SER A 148 7.40 15.43 -19.72
N SER A 149 6.99 14.26 -20.21
CA SER A 149 5.83 14.19 -21.09
C SER A 149 5.07 12.88 -20.85
N PHE A 150 3.84 12.99 -20.39
CA PHE A 150 3.05 11.81 -20.04
C PHE A 150 2.84 10.96 -21.30
N PRO A 151 3.07 9.63 -21.20
CA PRO A 151 2.89 8.73 -22.34
C PRO A 151 1.43 8.49 -22.78
N SER A 152 1.28 8.12 -24.05
CA SER A 152 -0.02 7.83 -24.66
C SER A 152 -0.46 6.39 -24.37
N ASP A 153 0.52 5.52 -24.12
CA ASP A 153 0.28 4.09 -23.92
C ASP A 153 -0.66 3.87 -22.74
N ASP A 154 -1.59 2.93 -22.91
CA ASP A 154 -2.63 2.68 -21.93
C ASP A 154 -2.20 1.61 -20.93
N ASN A 155 -1.39 0.65 -21.38
CA ASN A 155 -0.71 -0.27 -20.47
C ASN A 155 -0.02 0.49 -19.35
N ILE A 156 0.60 1.61 -19.71
CA ILE A 156 1.34 2.43 -18.77
C ILE A 156 0.37 3.19 -17.89
N LEU A 157 -0.62 3.83 -18.51
CA LEU A 157 -1.64 4.54 -17.74
C LEU A 157 -2.19 3.64 -16.62
N MET A 158 -2.30 2.35 -16.89
CA MET A 158 -2.88 1.39 -15.95
C MET A 158 -1.88 0.96 -14.90
N LYS A 159 -0.62 0.79 -15.30
CA LYS A 159 0.41 0.36 -14.36
C LYS A 159 0.70 1.45 -13.33
N VAL A 160 0.72 2.71 -13.76
CA VAL A 160 1.23 3.81 -12.95
C VAL A 160 0.33 5.05 -12.83
N GLY A 161 -0.88 4.98 -13.40
CA GLY A 161 -1.74 6.16 -13.52
C GLY A 161 -2.19 6.78 -12.22
N HIS A 162 -2.37 5.95 -11.19
CA HIS A 162 -2.83 6.43 -9.89
C HIS A 162 -1.72 7.17 -9.15
N TYR A 163 -0.50 6.66 -9.27
CA TYR A 163 0.66 7.35 -8.71
C TYR A 163 0.86 8.69 -9.39
N THR A 164 0.87 8.71 -10.72
CA THR A 164 1.15 9.92 -11.46
C THR A 164 0.12 11.01 -11.15
N GLN A 165 -1.14 10.63 -10.97
CA GLN A 165 -2.16 11.61 -10.58
C GLN A 165 -1.85 12.21 -9.20
N ILE A 166 -1.44 11.38 -8.25
CA ILE A 166 -1.08 11.87 -6.91
C ILE A 166 0.00 12.97 -6.97
N VAL A 167 1.02 12.74 -7.79
CA VAL A 167 2.18 13.64 -7.84
C VAL A 167 2.12 14.65 -8.98
N TRP A 168 0.90 14.93 -9.45
CA TRP A 168 0.73 15.83 -10.59
C TRP A 168 0.83 17.28 -10.12
N ALA A 169 1.99 17.88 -10.39
CA ALA A 169 2.27 19.26 -9.98
C ALA A 169 1.08 20.21 -10.23
N LYS A 170 0.53 20.18 -11.45
CA LYS A 170 -0.55 21.11 -11.82
C LYS A 170 -1.84 20.92 -11.04
N THR A 171 -2.06 19.70 -10.53
CA THR A 171 -3.23 19.41 -9.69
C THR A 171 -3.04 20.12 -8.35
N THR A 172 -4.07 20.84 -7.90
CA THR A 172 -4.01 21.54 -6.62
C THR A 172 -5.23 21.32 -5.73
N LYS A 173 -6.22 20.56 -6.21
CA LYS A 173 -7.45 20.36 -5.47
C LYS A 173 -7.85 18.89 -5.41
N ILE A 174 -8.25 18.43 -4.22
CA ILE A 174 -8.74 17.07 -4.05
C ILE A 174 -10.09 17.04 -3.35
N GLY A 175 -10.94 16.10 -3.77
CA GLY A 175 -12.25 15.90 -3.17
C GLY A 175 -12.63 14.45 -3.29
N CYS A 176 -12.82 13.78 -2.15
CA CYS A 176 -13.10 12.35 -2.13
C CYS A 176 -14.46 12.04 -1.52
N GLY A 177 -14.89 10.81 -1.76
CA GLY A 177 -16.11 10.26 -1.19
C GLY A 177 -15.89 8.80 -0.86
N ARG A 178 -16.69 8.27 0.06
CA ARG A 178 -16.50 6.91 0.53
C ARG A 178 -17.78 6.31 1.09
N ILE A 179 -17.88 4.99 0.96
CA ILE A 179 -18.97 4.25 1.55
C ILE A 179 -18.46 2.87 1.94
N MET A 180 -19.16 2.25 2.89
CA MET A 180 -18.98 0.84 3.21
C MET A 180 -20.30 0.12 3.00
N PHE A 181 -20.22 -1.15 2.58
CA PHE A 181 -21.40 -1.99 2.35
C PHE A 181 -21.12 -3.48 2.27
N LYS A 182 -22.15 -4.28 2.55
CA LYS A 182 -22.06 -5.74 2.40
C LYS A 182 -22.11 -6.08 0.92
N GLU A 183 -21.09 -6.78 0.45
CA GLU A 183 -21.12 -7.35 -0.89
C GLU A 183 -21.87 -8.70 -0.83
N PRO A 184 -22.31 -9.24 -1.98
CA PRO A 184 -23.19 -10.43 -1.99
C PRO A 184 -22.74 -11.64 -1.15
N ASP A 185 -21.45 -11.72 -0.83
CA ASP A 185 -20.89 -12.80 0.00
C ASP A 185 -20.73 -12.40 1.48
N ASN A 186 -21.41 -11.31 1.89
CA ASN A 186 -21.37 -10.78 3.27
C ASN A 186 -20.06 -10.15 3.75
N TRP A 187 -19.00 -10.18 2.94
CA TRP A 187 -17.77 -9.47 3.33
C TRP A 187 -18.08 -7.98 3.30
N THR A 188 -17.34 -7.21 4.10
CA THR A 188 -17.56 -5.77 4.17
C THR A 188 -16.60 -5.09 3.23
N LYS A 189 -17.16 -4.40 2.24
CA LYS A 189 -16.35 -3.68 1.27
C LYS A 189 -16.27 -2.21 1.64
N HIS A 190 -15.09 -1.62 1.45
CA HIS A 190 -14.81 -0.26 1.86
C HIS A 190 -14.26 0.46 0.63
N TYR A 191 -15.08 1.39 0.12
CA TYR A 191 -14.91 1.93 -1.24
C TYR A 191 -14.51 3.41 -1.17
N LEU A 192 -13.39 3.75 -1.77
CA LEU A 192 -12.89 5.12 -1.78
C LEU A 192 -12.74 5.61 -3.20
N VAL A 193 -13.33 6.77 -3.51
CA VAL A 193 -13.04 7.45 -4.78
C VAL A 193 -12.53 8.85 -4.50
N CYS A 194 -11.40 9.20 -5.10
CA CYS A 194 -10.85 10.55 -4.97
C CYS A 194 -10.83 11.26 -6.30
N ASN A 195 -11.40 12.46 -6.33
CA ASN A 195 -11.37 13.31 -7.51
C ASN A 195 -10.34 14.42 -7.33
N TYR A 196 -9.62 14.69 -8.42
CA TYR A 196 -8.54 15.66 -8.41
C TYR A 196 -8.80 16.74 -9.43
N GLY A 197 -8.42 17.98 -9.09
CA GLY A 197 -8.62 19.13 -9.95
C GLY A 197 -7.43 20.07 -9.92
N PRO A 198 -6.96 20.52 -11.11
CA PRO A 198 -7.34 20.06 -12.44
C PRO A 198 -6.82 18.65 -12.70
N ALA A 199 -7.48 17.94 -13.62
CA ALA A 199 -7.19 16.53 -13.87
C ALA A 199 -5.76 16.36 -14.34
N GLY A 200 -5.09 15.34 -13.79
CA GLY A 200 -3.74 14.99 -14.21
C GLY A 200 -3.75 13.97 -15.33
N ASN A 201 -2.63 13.32 -15.54
CA ASN A 201 -2.46 12.33 -16.62
C ASN A 201 -2.89 12.86 -17.99
N VAL A 202 -2.56 14.11 -18.26
CA VAL A 202 -2.82 14.74 -19.54
C VAL A 202 -1.83 14.23 -20.60
N LEU A 203 -2.34 13.47 -21.56
CA LEU A 203 -1.51 12.79 -22.57
C LEU A 203 -0.63 13.79 -23.28
N GLY A 204 0.62 13.89 -22.85
CA GLY A 204 1.58 14.82 -23.47
C GLY A 204 2.20 15.77 -22.47
N ALA A 205 1.41 16.21 -21.48
CA ALA A 205 1.90 17.16 -20.48
C ALA A 205 3.00 16.55 -19.59
N PRO A 206 3.84 17.42 -19.00
CA PRO A 206 4.72 16.94 -17.95
C PRO A 206 3.94 16.65 -16.67
N ILE A 207 4.41 15.67 -15.91
CA ILE A 207 3.86 15.36 -14.60
C ILE A 207 4.28 16.47 -13.64
N TYR A 208 5.56 16.82 -13.68
CA TYR A 208 6.08 18.00 -12.98
C TYR A 208 7.37 18.52 -13.62
N GLU A 209 7.86 19.65 -13.14
CA GLU A 209 9.07 20.24 -13.72
C GLU A 209 10.29 19.71 -12.98
N ILE A 210 11.12 18.96 -13.70
CA ILE A 210 12.29 18.31 -13.09
C ILE A 210 13.35 19.34 -12.62
N LYS A 211 13.46 19.52 -11.30
CA LYS A 211 14.51 20.35 -10.72
C LYS A 211 15.88 19.66 -10.87
N LYS A 212 16.94 20.45 -11.03
CA LYS A 212 18.32 19.92 -11.10
C LYS A 212 19.10 20.30 -9.83
N HIS A 213 19.93 19.38 -9.35
CA HIS A 213 20.75 19.64 -8.17
C HIS A 213 21.91 20.54 -8.58
N HIS A 214 22.24 21.51 -7.73
CA HIS A 214 23.21 22.56 -8.08
C HIS A 214 24.64 22.02 -8.26
N HIS A 215 25.32 22.51 -9.29
CA HIS A 215 26.70 22.13 -9.60
C HIS A 215 27.68 22.58 -8.54
N HIS A 216 27.28 23.60 -7.77
CA HIS A 216 28.15 24.24 -6.83
C HIS A 216 27.66 24.13 -5.40
N HIS A 217 26.78 23.17 -5.15
CA HIS A 217 26.54 22.74 -3.79
C HIS A 217 27.33 21.47 -3.55
N HIS A 218 28.46 21.61 -2.89
CA HIS A 218 29.29 20.48 -2.48
C HIS A 218 29.06 20.27 -0.99
N ASN B 2 23.78 -20.18 24.26
CA ASN B 2 22.31 -19.96 24.09
C ASN B 2 21.99 -19.61 22.65
N TYR B 3 22.55 -18.50 22.17
CA TYR B 3 22.40 -18.07 20.77
C TYR B 3 23.68 -18.08 19.94
N CYS B 4 24.83 -18.36 20.56
CA CYS B 4 26.09 -18.40 19.84
C CYS B 4 26.47 -19.84 19.53
N GLN B 7 23.86 -22.92 15.46
CA GLN B 7 23.77 -24.15 14.69
C GLN B 7 23.71 -23.82 13.19
N SER B 8 22.71 -23.04 12.80
CA SER B 8 22.55 -22.58 11.42
C SER B 8 23.57 -21.49 11.09
N ALA B 14 27.92 -16.72 10.11
CA ALA B 14 27.06 -15.57 10.37
C ALA B 14 26.71 -15.44 11.87
N ILE B 15 26.94 -14.23 12.42
CA ILE B 15 26.79 -13.93 13.85
C ILE B 15 25.32 -13.68 14.20
N HIS B 16 24.86 -14.25 15.31
CA HIS B 16 23.46 -14.08 15.73
C HIS B 16 23.24 -12.67 16.30
N THR B 17 22.05 -12.13 16.07
CA THR B 17 21.74 -10.77 16.47
C THR B 17 21.91 -10.58 17.99
N MET B 18 21.39 -11.52 18.78
CA MET B 18 21.48 -11.47 20.25
C MET B 18 22.91 -11.71 20.73
N CYS B 19 23.63 -12.52 19.98
CA CYS B 19 25.01 -12.84 20.29
C CYS B 19 25.89 -11.62 20.05
N GLN B 20 25.61 -10.88 18.99
CA GLN B 20 26.34 -9.65 18.70
C GLN B 20 25.86 -8.49 19.58
N TYR B 21 24.63 -8.04 19.36
CA TYR B 21 24.08 -6.91 20.08
C TYR B 21 23.55 -7.39 21.43
N THR B 22 24.33 -7.19 22.48
CA THR B 22 24.00 -7.72 23.80
C THR B 22 23.27 -6.70 24.67
N SER B 23 23.08 -5.50 24.14
CA SER B 23 22.40 -4.43 24.87
C SER B 23 20.94 -4.27 24.45
N PRO B 24 20.04 -4.07 25.42
CA PRO B 24 18.65 -3.76 25.10
C PRO B 24 18.44 -2.31 24.67
N THR B 25 19.42 -1.45 24.97
CA THR B 25 19.35 -0.03 24.63
C THR B 25 19.75 0.14 23.16
N PRO B 26 18.99 0.95 22.41
CA PRO B 26 19.20 1.03 20.96
C PRO B 26 20.48 1.75 20.54
N GLY B 27 20.93 1.45 19.32
CA GLY B 27 22.24 1.86 18.83
C GLY B 27 22.30 3.29 18.34
N PRO B 28 23.51 3.79 18.05
CA PRO B 28 23.75 5.20 17.78
C PRO B 28 23.07 5.64 16.51
N MET B 29 22.70 4.67 15.68
CA MET B 29 22.06 4.92 14.40
C MET B 29 20.54 5.14 14.54
N CYS B 30 20.03 5.21 15.76
CA CYS B 30 18.63 5.52 16.04
C CYS B 30 18.44 6.97 16.50
N LEU B 31 19.48 7.78 16.35
CA LEU B 31 19.41 9.19 16.72
C LEU B 31 18.51 9.41 17.97
N GLU B 32 17.68 10.45 17.96
CA GLU B 32 16.76 10.72 19.07
C GLU B 32 15.53 9.85 18.84
N TYR B 33 15.40 8.80 19.63
CA TYR B 33 14.42 7.74 19.36
C TYR B 33 13.19 7.78 20.27
N SER B 34 12.18 7.00 19.89
CA SER B 34 10.93 6.90 20.65
C SER B 34 10.12 5.65 20.27
N ASN B 35 9.07 5.38 21.03
CA ASN B 35 8.11 4.34 20.70
C ASN B 35 8.73 2.99 20.34
N VAL B 36 9.62 2.51 21.21
CA VAL B 36 10.17 1.17 21.09
C VAL B 36 9.08 0.15 21.38
N GLY B 37 9.05 -0.94 20.62
CA GLY B 37 8.14 -2.04 20.89
C GLY B 37 6.68 -1.70 20.68
N PHE B 38 5.80 -2.49 21.28
CA PHE B 38 4.37 -2.35 21.04
C PHE B 38 3.53 -2.45 22.31
N THR B 39 2.36 -1.82 22.26
CA THR B 39 1.26 -2.15 23.16
C THR B 39 0.67 -3.47 22.69
N ASP B 40 -0.08 -4.13 23.57
CA ASP B 40 -0.71 -5.41 23.25
C ASP B 40 -1.79 -5.23 22.19
N ALA B 41 -2.47 -4.09 22.25
CA ALA B 41 -3.38 -3.69 21.18
C ALA B 41 -2.70 -3.77 19.82
N GLU B 42 -1.49 -3.24 19.72
CA GLU B 42 -0.74 -3.20 18.46
C GLU B 42 -0.25 -4.57 18.00
N LYS B 43 0.07 -5.43 18.97
CA LYS B 43 0.52 -6.79 18.66
C LYS B 43 -0.62 -7.60 18.02
N ASP B 44 -1.84 -7.42 18.52
CA ASP B 44 -3.00 -8.05 17.91
C ASP B 44 -3.26 -7.46 16.54
N ALA B 45 -3.08 -6.14 16.42
CA ALA B 45 -3.21 -5.45 15.14
C ALA B 45 -2.39 -6.15 14.07
N ILE B 46 -1.14 -6.47 14.40
CA ILE B 46 -0.21 -7.10 13.46
C ILE B 46 -0.60 -8.53 13.13
N VAL B 47 -0.88 -9.32 14.16
CA VAL B 47 -1.26 -10.72 13.98
C VAL B 47 -2.56 -10.78 13.18
N ASN B 48 -3.55 -10.00 13.61
CA ASN B 48 -4.84 -9.97 12.90
C ASN B 48 -4.72 -9.62 11.42
N LYS B 49 -3.86 -8.66 11.07
CA LYS B 49 -3.65 -8.30 9.67
C LYS B 49 -3.10 -9.48 8.88
N HIS B 50 -2.12 -10.16 9.46
CA HIS B 50 -1.47 -11.26 8.78
C HIS B 50 -2.44 -12.40 8.52
N ASN B 51 -3.27 -12.69 9.52
CA ASN B 51 -4.25 -13.76 9.37
C ASN B 51 -5.33 -13.41 8.34
N GLU B 52 -5.81 -12.16 8.39
CA GLU B 52 -6.76 -11.66 7.40
C GLU B 52 -6.24 -11.89 6.00
N LEU B 53 -5.01 -11.45 5.74
CA LEU B 53 -4.36 -11.64 4.45
C LEU B 53 -4.21 -13.13 4.14
N ARG B 54 -3.69 -13.89 5.10
CA ARG B 54 -3.52 -15.34 4.92
C ARG B 54 -4.85 -16.01 4.56
N GLN B 55 -5.89 -15.76 5.35
CA GLN B 55 -7.21 -16.35 5.10
C GLN B 55 -7.75 -15.93 3.73
N ARG B 56 -7.51 -14.69 3.31
CA ARG B 56 -7.92 -14.23 1.98
C ARG B 56 -7.31 -15.08 0.89
N VAL B 57 -5.98 -15.18 0.86
CA VAL B 57 -5.32 -16.01 -0.15
C VAL B 57 -5.73 -17.48 -0.02
N ALA B 58 -5.83 -17.97 1.23
CA ALA B 58 -6.18 -19.37 1.48
C ALA B 58 -7.54 -19.70 0.91
N SER B 59 -8.47 -18.74 0.93
CA SER B 59 -9.84 -18.98 0.50
C SER B 59 -10.07 -18.80 -0.99
N GLY B 60 -8.99 -18.58 -1.74
CA GLY B 60 -9.08 -18.42 -3.18
C GLY B 60 -9.69 -17.09 -3.60
N LYS B 61 -9.55 -16.08 -2.74
CA LYS B 61 -10.17 -14.78 -2.99
C LYS B 61 -9.21 -13.75 -3.59
N GLU B 62 -7.90 -13.84 -3.31
CA GLU B 62 -6.94 -12.89 -3.90
C GLU B 62 -6.75 -13.18 -5.36
N MET B 63 -7.02 -12.20 -6.21
CA MET B 63 -7.19 -12.45 -7.63
C MET B 63 -6.08 -11.87 -8.50
N ARG B 64 -5.10 -11.23 -7.87
CA ARG B 64 -4.03 -10.56 -8.57
C ARG B 64 -2.86 -11.50 -8.78
N GLY B 65 -2.00 -11.16 -9.72
CA GLY B 65 -0.86 -12.01 -10.05
C GLY B 65 -0.56 -11.99 -11.54
N THR B 66 0.73 -12.03 -11.86
CA THR B 66 1.22 -11.95 -13.23
C THR B 66 0.55 -12.97 -14.11
N ASN B 67 0.42 -14.19 -13.61
CA ASN B 67 -0.13 -15.30 -14.38
C ASN B 67 -1.58 -15.61 -14.02
N GLY B 68 -2.26 -14.67 -13.39
CA GLY B 68 -3.65 -14.88 -13.00
C GLY B 68 -3.78 -15.03 -11.50
N PRO B 69 -5.02 -15.25 -11.04
CA PRO B 69 -5.37 -15.18 -9.63
C PRO B 69 -4.69 -16.24 -8.80
N GLN B 70 -4.61 -16.00 -7.50
CA GLN B 70 -3.93 -16.90 -6.57
C GLN B 70 -4.91 -17.95 -6.03
N PRO B 71 -4.53 -19.25 -6.16
CA PRO B 71 -5.43 -20.33 -5.81
C PRO B 71 -5.50 -20.57 -4.31
N PRO B 72 -6.59 -21.23 -3.85
CA PRO B 72 -6.79 -21.47 -2.43
C PRO B 72 -5.86 -22.55 -1.89
N ALA B 73 -5.71 -22.57 -0.56
CA ALA B 73 -4.78 -23.46 0.11
C ALA B 73 -5.52 -24.57 0.86
N VAL B 74 -4.98 -25.79 0.79
CA VAL B 74 -5.51 -26.92 1.55
C VAL B 74 -5.51 -26.61 3.04
N LYS B 75 -4.40 -26.07 3.52
CA LYS B 75 -4.24 -25.68 4.92
C LYS B 75 -3.46 -24.37 4.98
N MET B 76 -3.86 -23.49 5.90
CA MET B 76 -3.20 -22.20 6.10
C MET B 76 -3.49 -21.73 7.53
N PRO B 77 -2.64 -22.14 8.48
CA PRO B 77 -2.90 -21.88 9.89
C PRO B 77 -2.72 -20.42 10.28
N ASN B 78 -3.58 -19.94 11.17
CA ASN B 78 -3.42 -18.61 11.75
C ASN B 78 -2.09 -18.48 12.47
N LEU B 79 -1.45 -17.32 12.30
CA LEU B 79 -0.22 -17.05 13.01
C LEU B 79 -0.57 -16.71 14.45
N THR B 80 0.25 -17.19 15.39
CA THR B 80 0.16 -16.75 16.77
C THR B 80 1.41 -15.94 17.10
N TRP B 81 1.27 -14.97 17.99
CA TRP B 81 2.38 -14.11 18.39
C TRP B 81 3.37 -14.88 19.26
N ASP B 82 4.66 -14.66 19.02
CA ASP B 82 5.70 -15.37 19.74
C ASP B 82 6.74 -14.41 20.31
N PRO B 83 6.84 -14.33 21.64
CA PRO B 83 7.67 -13.32 22.28
C PRO B 83 9.17 -13.48 22.05
N GLU B 84 9.66 -14.72 21.88
CA GLU B 84 11.10 -14.95 21.63
C GLU B 84 11.50 -14.29 20.31
N LEU B 85 10.80 -14.65 19.23
CA LEU B 85 11.01 -14.01 17.93
C LEU B 85 10.84 -12.50 18.05
N ALA B 86 9.85 -12.07 18.82
CA ALA B 86 9.58 -10.66 19.05
C ALA B 86 10.80 -9.95 19.63
N THR B 87 11.37 -10.48 20.71
CA THR B 87 12.52 -9.82 21.36
C THR B 87 13.77 -9.83 20.46
N ILE B 88 13.89 -10.85 19.61
CA ILE B 88 14.98 -10.88 18.62
C ILE B 88 14.72 -9.89 17.49
N ALA B 89 13.45 -9.75 17.09
CA ALA B 89 13.10 -8.76 16.08
C ALA B 89 13.38 -7.37 16.63
N GLN B 90 12.96 -7.13 17.86
CA GLN B 90 13.09 -5.80 18.45
C GLN B 90 14.53 -5.42 18.66
N ARG B 91 15.38 -6.39 18.93
CA ARG B 91 16.80 -6.09 19.12
C ARG B 91 17.43 -5.62 17.84
N TRP B 92 17.14 -6.31 16.74
CA TRP B 92 17.65 -5.90 15.44
C TRP B 92 17.02 -4.56 15.03
N ALA B 93 15.73 -4.38 15.34
CA ALA B 93 15.05 -3.12 15.06
C ALA B 93 15.74 -1.97 15.79
N ASN B 94 16.23 -2.23 16.99
CA ASN B 94 16.91 -1.22 17.81
C ASN B 94 18.26 -0.74 17.25
N GLN B 95 18.67 -1.28 16.10
CA GLN B 95 19.93 -0.91 15.48
C GLN B 95 19.73 0.07 14.32
N CYS B 96 18.46 0.25 13.93
CA CYS B 96 18.09 1.29 12.98
C CYS B 96 18.98 1.32 11.73
N THR B 97 19.31 0.14 11.22
CA THR B 97 20.02 0.04 9.95
C THR B 97 19.15 -0.79 9.00
N PHE B 98 18.58 -0.14 7.99
CA PHE B 98 17.50 -0.75 7.21
C PHE B 98 18.05 -1.87 6.32
N GLU B 99 18.05 -3.09 6.83
CA GLU B 99 18.49 -4.28 6.12
C GLU B 99 18.16 -5.52 6.96
N HIS B 100 18.22 -6.71 6.36
CA HIS B 100 18.03 -7.95 7.10
C HIS B 100 19.29 -8.30 7.92
N ASP B 101 19.13 -8.70 9.18
CA ASP B 101 20.28 -9.13 9.98
C ASP B 101 20.89 -10.44 9.45
N ALA B 102 22.13 -10.71 9.84
CA ALA B 102 22.86 -11.88 9.34
C ALA B 102 22.18 -13.18 9.72
N CYS B 103 21.75 -13.27 10.98
CA CYS B 103 20.98 -14.41 11.47
C CYS B 103 20.13 -14.05 12.68
N ARG B 104 18.95 -14.68 12.77
CA ARG B 104 18.01 -14.45 13.85
C ARG B 104 17.35 -15.72 14.37
N ASN B 105 17.93 -16.88 14.10
CA ASN B 105 17.26 -18.15 14.34
C ASN B 105 17.09 -18.51 15.81
N VAL B 106 16.29 -19.54 16.07
CA VAL B 106 16.02 -20.00 17.43
C VAL B 106 16.20 -21.52 17.52
N GLU B 107 16.20 -22.05 18.74
CA GLU B 107 16.39 -23.48 18.93
C GLU B 107 15.37 -24.30 18.13
N ARG B 108 14.15 -23.80 18.00
CA ARG B 108 13.08 -24.55 17.36
C ARG B 108 13.18 -24.65 15.84
N PHE B 109 13.60 -23.58 15.18
CA PHE B 109 13.55 -23.52 13.72
C PHE B 109 14.30 -22.33 13.17
N ALA B 110 14.60 -22.38 11.87
CA ALA B 110 15.11 -21.22 11.17
C ALA B 110 14.00 -20.18 11.20
N VAL B 111 14.39 -18.91 11.26
CA VAL B 111 13.43 -17.82 11.36
C VAL B 111 13.51 -16.96 10.12
N GLY B 112 12.35 -16.61 9.57
CA GLY B 112 12.26 -15.71 8.42
C GLY B 112 12.14 -14.28 8.88
N GLN B 113 12.10 -13.34 7.95
CA GLN B 113 12.05 -11.93 8.32
C GLN B 113 11.45 -11.04 7.24
N ASN B 114 10.65 -10.07 7.66
CA ASN B 114 10.19 -8.98 6.79
C ASN B 114 10.57 -7.63 7.41
N ILE B 115 10.93 -6.68 6.56
CA ILE B 115 11.39 -5.37 6.99
C ILE B 115 10.57 -4.27 6.31
N ALA B 116 10.32 -3.21 7.06
CA ALA B 116 9.70 -2.01 6.52
C ALA B 116 10.21 -0.78 7.27
N ALA B 117 10.29 0.35 6.58
CA ALA B 117 10.57 1.65 7.20
C ALA B 117 9.87 2.72 6.39
N THR B 118 9.25 3.69 7.05
CA THR B 118 8.56 4.77 6.36
C THR B 118 8.87 6.08 7.03
N SER B 119 8.77 7.17 6.27
CA SER B 119 9.09 8.48 6.80
C SER B 119 7.82 9.33 6.91
N SER B 120 7.51 9.73 8.13
CA SER B 120 6.20 10.30 8.51
C SER B 120 6.29 11.81 8.67
N SER B 121 5.33 12.38 9.40
CA SER B 121 5.30 13.81 9.75
C SER B 121 4.56 14.03 11.08
N LYS B 125 1.34 10.16 11.14
CA LYS B 125 2.06 8.96 11.53
C LYS B 125 1.82 7.86 10.50
N SER B 126 2.34 6.66 10.80
CA SER B 126 2.16 5.49 9.93
C SER B 126 2.00 4.22 10.78
N THR B 127 0.99 3.42 10.45
CA THR B 127 0.73 2.19 11.19
C THR B 127 1.52 1.02 10.58
N PRO B 128 1.86 0.01 11.39
CA PRO B 128 2.38 -1.25 10.85
C PRO B 128 1.45 -1.91 9.83
N ASN B 129 0.15 -1.87 10.07
CA ASN B 129 -0.80 -2.44 9.12
C ASN B 129 -0.55 -1.89 7.73
N GLU B 130 -0.25 -0.58 7.65
CA GLU B 130 0.09 0.06 6.38
C GLU B 130 1.29 -0.65 5.78
N MET B 131 2.36 -0.79 6.58
CA MET B 131 3.58 -1.41 6.10
C MET B 131 3.42 -2.88 5.72
N ILE B 132 2.53 -3.59 6.41
CA ILE B 132 2.22 -4.99 6.08
C ILE B 132 1.48 -5.11 4.76
N LEU B 133 0.51 -4.24 4.55
CA LEU B 133 -0.23 -4.22 3.29
C LEU B 133 0.71 -4.00 2.13
N LEU B 134 1.77 -3.23 2.37
CA LEU B 134 2.74 -2.98 1.31
C LEU B 134 3.60 -4.21 1.01
N TRP B 135 3.90 -5.00 2.03
CA TRP B 135 4.57 -6.29 1.84
C TRP B 135 3.71 -7.19 0.99
N TYR B 136 2.45 -7.30 1.40
CA TYR B 136 1.46 -8.12 0.73
C TYR B 136 1.20 -7.67 -0.70
N ASN B 137 1.29 -6.37 -0.93
CA ASN B 137 1.01 -5.83 -2.25
C ASN B 137 1.99 -6.31 -3.34
N GLU B 138 3.05 -7.03 -2.94
CA GLU B 138 3.94 -7.71 -3.88
C GLU B 138 3.21 -8.78 -4.71
N VAL B 139 2.01 -9.18 -4.25
CA VAL B 139 1.21 -10.21 -4.93
C VAL B 139 0.83 -9.79 -6.35
N LYS B 140 0.81 -8.47 -6.59
CA LYS B 140 0.70 -7.90 -7.94
C LYS B 140 1.69 -8.52 -8.91
N ASP B 141 2.90 -8.78 -8.42
CA ASP B 141 3.98 -9.33 -9.23
C ASP B 141 4.19 -10.84 -9.01
N PHE B 142 3.23 -11.53 -8.42
CA PHE B 142 3.40 -12.94 -8.15
C PHE B 142 2.82 -13.86 -9.24
N ASP B 143 3.49 -14.98 -9.44
CA ASP B 143 3.12 -15.98 -10.44
C ASP B 143 2.60 -17.24 -9.76
N ASN B 144 1.38 -17.65 -10.10
CA ASN B 144 0.81 -18.94 -9.72
C ASN B 144 1.85 -20.05 -9.64
N ARG B 145 2.65 -20.17 -10.70
CA ARG B 145 3.58 -21.28 -10.88
C ARG B 145 4.68 -21.41 -9.85
N TRP B 146 4.85 -20.39 -9.00
CA TRP B 146 5.89 -20.45 -7.96
C TRP B 146 5.38 -21.02 -6.63
N ILE B 147 4.10 -21.36 -6.57
CA ILE B 147 3.48 -21.77 -5.30
C ILE B 147 3.99 -23.14 -4.86
N SER B 148 3.96 -24.11 -5.78
CA SER B 148 4.23 -25.50 -5.42
C SER B 148 5.71 -25.77 -5.17
N SER B 149 6.59 -24.96 -5.73
CA SER B 149 8.00 -25.06 -5.39
C SER B 149 8.65 -23.69 -5.49
N PHE B 150 9.15 -23.19 -4.37
CA PHE B 150 9.72 -21.86 -4.30
C PHE B 150 10.96 -21.77 -5.18
N PRO B 151 11.03 -20.74 -6.08
CA PRO B 151 12.17 -20.59 -6.99
C PRO B 151 13.51 -20.24 -6.32
N SER B 152 14.60 -20.59 -7.03
CA SER B 152 15.97 -20.30 -6.61
C SER B 152 16.38 -18.88 -6.98
N ASP B 153 15.78 -18.33 -8.04
CA ASP B 153 16.12 -17.00 -8.55
C ASP B 153 15.97 -15.93 -7.47
N ASP B 154 16.94 -15.02 -7.43
CA ASP B 154 17.01 -13.99 -6.38
C ASP B 154 16.26 -12.72 -6.79
N ASN B 155 16.30 -12.41 -8.10
CA ASN B 155 15.44 -11.37 -8.65
C ASN B 155 14.03 -11.58 -8.12
N ILE B 156 13.59 -12.84 -8.13
CA ILE B 156 12.25 -13.22 -7.71
C ILE B 156 12.10 -13.07 -6.21
N LEU B 157 13.09 -13.57 -5.46
CA LEU B 157 13.04 -13.50 -4.00
C LEU B 157 13.03 -12.06 -3.49
N MET B 158 13.40 -11.12 -4.36
CA MET B 158 13.32 -9.69 -4.07
C MET B 158 11.99 -9.07 -4.50
N LYS B 159 11.47 -9.51 -5.64
CA LYS B 159 10.22 -8.97 -6.16
C LYS B 159 9.03 -9.36 -5.26
N VAL B 160 9.07 -10.58 -4.75
CA VAL B 160 7.88 -11.20 -4.17
C VAL B 160 8.12 -11.87 -2.81
N GLY B 161 9.34 -11.76 -2.28
CA GLY B 161 9.76 -12.52 -1.09
C GLY B 161 9.03 -12.20 0.19
N HIS B 162 8.60 -10.95 0.34
CA HIS B 162 7.86 -10.53 1.53
C HIS B 162 6.41 -11.03 1.52
N TYR B 163 5.78 -11.01 0.34
CA TYR B 163 4.44 -11.58 0.20
C TYR B 163 4.47 -13.07 0.49
N THR B 164 5.39 -13.78 -0.15
CA THR B 164 5.43 -15.24 -0.01
C THR B 164 5.64 -15.66 1.43
N GLN B 165 6.45 -14.91 2.18
CA GLN B 165 6.64 -15.19 3.61
C GLN B 165 5.34 -15.00 4.41
N ILE B 166 4.58 -13.96 4.10
CA ILE B 166 3.28 -13.74 4.73
C ILE B 166 2.32 -14.93 4.57
N VAL B 167 2.27 -15.49 3.37
CA VAL B 167 1.31 -16.55 3.05
C VAL B 167 1.92 -17.96 3.12
N TRP B 168 3.02 -18.09 3.85
CA TRP B 168 3.73 -19.36 3.93
C TRP B 168 3.04 -20.32 4.91
N ALA B 169 2.29 -21.27 4.35
CA ALA B 169 1.47 -22.22 5.12
C ALA B 169 2.20 -22.80 6.35
N LYS B 170 3.42 -23.29 6.15
CA LYS B 170 4.18 -23.94 7.24
C LYS B 170 4.57 -22.97 8.37
N THR B 171 4.62 -21.67 8.09
CA THR B 171 4.92 -20.66 9.12
C THR B 171 3.69 -20.49 9.99
N THR B 172 3.87 -20.58 11.31
CA THR B 172 2.77 -20.48 12.25
C THR B 172 3.00 -19.48 13.38
N LYS B 173 4.19 -18.87 13.42
CA LYS B 173 4.57 -17.99 14.53
C LYS B 173 5.17 -16.68 14.03
N ILE B 174 4.72 -15.56 14.59
CA ILE B 174 5.27 -14.25 14.25
C ILE B 174 5.67 -13.46 15.52
N GLY B 175 6.76 -12.71 15.38
CA GLY B 175 7.26 -11.88 16.46
C GLY B 175 7.94 -10.68 15.85
N CYS B 176 7.41 -9.49 16.13
CA CYS B 176 7.93 -8.27 15.52
C CYS B 176 8.53 -7.30 16.53
N GLY B 177 9.26 -6.33 16.02
CA GLY B 177 9.81 -5.26 16.84
C GLY B 177 9.79 -3.98 16.04
N ARG B 178 9.80 -2.85 16.73
CA ARG B 178 9.68 -1.56 16.08
C ARG B 178 10.30 -0.42 16.88
N ILE B 179 10.77 0.59 16.17
CA ILE B 179 11.26 1.80 16.77
C ILE B 179 10.99 2.98 15.84
N MET B 180 10.91 4.18 16.41
CA MET B 180 10.86 5.42 15.66
C MET B 180 12.03 6.29 16.07
N PHE B 181 12.58 7.06 15.12
CA PHE B 181 13.70 7.94 15.43
C PHE B 181 13.74 9.16 14.52
N LYS B 182 13.52 10.33 15.13
CA LYS B 182 13.56 11.62 14.41
C LYS B 182 14.98 11.91 13.95
N GLU B 183 15.12 12.46 12.75
N ASP B 185 17.42 14.74 10.12
CA ASP B 185 17.04 15.99 9.45
C ASP B 185 15.61 16.43 9.78
N ASN B 186 15.21 16.19 11.03
CA ASN B 186 13.87 16.57 11.50
C ASN B 186 12.68 15.87 10.83
N TRP B 187 12.97 14.86 9.99
CA TRP B 187 11.97 13.91 9.53
C TRP B 187 11.97 12.72 10.49
N THR B 188 10.87 11.96 10.52
CA THR B 188 10.70 10.85 11.45
C THR B 188 10.59 9.47 10.79
N LYS B 189 11.55 8.59 11.08
CA LYS B 189 11.57 7.27 10.48
C LYS B 189 10.87 6.30 11.43
N HIS B 190 10.08 5.41 10.86
CA HIS B 190 9.29 4.45 11.59
C HIS B 190 9.69 3.09 11.04
N TYR B 191 10.35 2.27 11.85
CA TYR B 191 11.05 1.07 11.40
C TYR B 191 10.40 -0.19 12.00
N LEU B 192 9.94 -1.10 11.12
CA LEU B 192 9.26 -2.34 11.55
C LEU B 192 10.02 -3.58 11.09
N VAL B 193 10.29 -4.49 12.03
CA VAL B 193 10.94 -5.78 11.72
C VAL B 193 10.07 -6.93 12.21
N CYS B 194 9.60 -7.76 11.29
CA CYS B 194 8.84 -8.96 11.67
C CYS B 194 9.60 -10.24 11.39
N ASN B 195 9.73 -11.07 12.42
CA ASN B 195 10.35 -12.37 12.29
C ASN B 195 9.30 -13.45 12.31
N TYR B 196 9.49 -14.45 11.45
CA TYR B 196 8.50 -15.51 11.26
C TYR B 196 9.12 -16.86 11.56
N GLY B 197 8.32 -17.75 12.13
CA GLY B 197 8.79 -19.09 12.50
C GLY B 197 7.75 -20.15 12.22
N PRO B 198 8.15 -21.26 11.58
CA PRO B 198 9.45 -21.50 10.95
C PRO B 198 9.64 -20.65 9.70
N ALA B 199 10.90 -20.41 9.34
CA ALA B 199 11.22 -19.53 8.22
C ALA B 199 10.60 -20.04 6.94
N GLY B 200 9.98 -19.13 6.18
CA GLY B 200 9.47 -19.44 4.86
C GLY B 200 10.51 -19.22 3.78
N ASN B 201 10.04 -19.11 2.53
CA ASN B 201 10.90 -18.94 1.36
C ASN B 201 12.03 -19.96 1.31
N VAL B 202 11.70 -21.21 1.64
CA VAL B 202 12.64 -22.32 1.55
C VAL B 202 12.84 -22.73 0.08
N LEU B 203 14.05 -22.49 -0.42
CA LEU B 203 14.36 -22.73 -1.82
C LEU B 203 13.98 -24.16 -2.22
N GLY B 204 12.81 -24.34 -2.81
CA GLY B 204 12.37 -25.66 -3.26
C GLY B 204 11.03 -26.07 -2.70
N ALA B 205 10.77 -25.68 -1.46
CA ALA B 205 9.50 -26.04 -0.79
C ALA B 205 8.29 -25.38 -1.43
N PRO B 206 7.10 -25.98 -1.26
CA PRO B 206 5.89 -25.28 -1.63
C PRO B 206 5.60 -24.15 -0.64
N ILE B 207 5.00 -23.08 -1.15
CA ILE B 207 4.54 -21.98 -0.32
C ILE B 207 3.31 -22.49 0.45
N TYR B 208 2.40 -23.14 -0.28
CA TYR B 208 1.29 -23.86 0.35
C TYR B 208 0.74 -24.99 -0.55
N GLU B 209 -0.19 -25.78 0.00
CA GLU B 209 -0.79 -26.89 -0.74
C GLU B 209 -2.00 -26.40 -1.54
N ILE B 210 -1.88 -26.38 -2.86
CA ILE B 210 -2.93 -25.87 -3.73
C ILE B 210 -4.15 -26.77 -3.65
N LYS B 211 -5.19 -26.33 -2.93
CA LYS B 211 -6.51 -26.96 -3.04
C LYS B 211 -6.98 -26.83 -4.49
N LYS B 212 -7.43 -27.94 -5.08
CA LYS B 212 -7.67 -28.02 -6.53
C LYS B 212 -9.15 -28.10 -6.93
N HIS B 213 -9.43 -27.72 -8.18
CA HIS B 213 -10.74 -27.97 -8.83
C HIS B 213 -10.83 -29.46 -9.25
N HIS B 214 -11.79 -29.84 -10.10
CA HIS B 214 -12.13 -31.26 -10.28
C HIS B 214 -12.96 -31.51 -11.58
N HIS B 215 -14.28 -31.66 -11.42
CA HIS B 215 -15.26 -31.31 -12.44
C HIS B 215 -15.96 -30.09 -11.80
N HIS B 216 -15.14 -29.09 -11.45
CA HIS B 216 -15.49 -27.90 -10.63
C HIS B 216 -15.49 -28.20 -9.13
#